data_4YK3
#
_entry.id   4YK3
#
_cell.length_a   58.070
_cell.length_b   77.420
_cell.length_c   67.510
_cell.angle_alpha   90.000
_cell.angle_beta   93.660
_cell.angle_gamma   90.000
#
_symmetry.space_group_name_H-M   'P 1 21 1'
#
loop_
_entity.id
_entity.type
_entity.pdbx_description
1 polymer 'BepE protein'
2 non-polymer 1,2-ETHANEDIOL
3 water water
#
_entity_poly.entity_id   1
_entity_poly.type   'polypeptide(L)'
_entity_poly.pdbx_seq_one_letter_code
;MAHHHHHHMVAMQSTIPSLTREEIADRMQHNPLVQAYQQEVMHWCKIVYGNSDVLKEKMQEVLQKPSEGEDLSRQVAENP
TSVHKLAGRNLCGLKTNARRQAEEGFMHLCQALDGYTSAVTQAQENIKHVPQAEARRYGQESEQRA
;
_entity_poly.pdbx_strand_id   A,B,C,D
#
# COMPACT_ATOMS: atom_id res chain seq x y z
N THR A 20 -24.01 30.91 -16.76
CA THR A 20 -22.88 31.33 -17.57
C THR A 20 -21.56 30.78 -17.01
N ARG A 21 -21.35 30.92 -15.71
CA ARG A 21 -20.11 30.41 -15.10
C ARG A 21 -19.96 28.90 -15.32
N GLU A 22 -21.09 28.20 -15.28
CA GLU A 22 -21.11 26.76 -15.56
C GLU A 22 -20.92 26.52 -17.06
N GLU A 23 -21.37 27.47 -17.87
CA GLU A 23 -21.18 27.37 -19.32
C GLU A 23 -19.70 27.61 -19.67
N ILE A 24 -19.08 28.57 -19.00
CA ILE A 24 -17.67 28.89 -19.23
C ILE A 24 -16.82 27.64 -18.95
N ALA A 25 -17.08 26.98 -17.82
CA ALA A 25 -16.34 25.76 -17.49
C ALA A 25 -16.59 24.67 -18.53
N ASP A 26 -17.78 24.68 -19.12
CA ASP A 26 -18.08 23.74 -20.19
C ASP A 26 -17.17 23.98 -21.40
N ARG A 27 -17.01 25.24 -21.81
CA ARG A 27 -16.09 25.59 -22.90
C ARG A 27 -14.65 25.22 -22.54
N MET A 28 -14.23 25.57 -21.34
CA MET A 28 -12.85 25.34 -20.93
C MET A 28 -12.48 23.86 -20.87
N GLN A 29 -13.48 22.99 -20.81
CA GLN A 29 -13.23 21.55 -20.80
C GLN A 29 -12.54 21.10 -22.09
N HIS A 30 -12.89 21.74 -23.20
CA HIS A 30 -12.35 21.36 -24.50
C HIS A 30 -11.14 22.18 -24.92
N ASN A 31 -10.84 23.24 -24.16
CA ASN A 31 -9.70 24.08 -24.48
C ASN A 31 -8.45 23.20 -24.60
N PRO A 32 -7.73 23.34 -25.72
CA PRO A 32 -6.57 22.49 -25.97
C PRO A 32 -5.49 22.57 -24.89
N LEU A 33 -5.14 23.79 -24.45
CA LEU A 33 -4.13 23.92 -23.41
C LEU A 33 -4.62 23.33 -22.08
N VAL A 34 -5.89 23.53 -21.77
CA VAL A 34 -6.43 23.06 -20.50
C VAL A 34 -6.38 21.54 -20.48
N GLN A 35 -6.84 20.92 -21.57
CA GLN A 35 -6.79 19.47 -21.69
C GLN A 35 -5.37 18.93 -21.61
N ALA A 36 -4.45 19.54 -22.36
CA ALA A 36 -3.07 19.08 -22.42
C ALA A 36 -2.40 19.12 -21.05
N TYR A 37 -2.58 20.22 -20.32
CA TYR A 37 -2.01 20.34 -18.99
C TYR A 37 -2.67 19.39 -17.99
N GLN A 38 -3.99 19.22 -18.11
CA GLN A 38 -4.70 18.28 -17.27
C GLN A 38 -4.08 16.90 -17.38
N GLN A 39 -3.94 16.42 -18.61
CA GLN A 39 -3.28 15.14 -18.87
C GLN A 39 -1.85 15.10 -18.33
N GLU A 40 -1.16 16.23 -18.40
CA GLU A 40 0.20 16.34 -17.88
C GLU A 40 0.25 16.19 -16.36
N VAL A 41 -0.66 16.88 -15.69
CA VAL A 41 -0.79 16.77 -14.24
C VAL A 41 -1.04 15.30 -13.86
N MET A 42 -1.92 14.60 -14.57
CA MET A 42 -2.23 13.22 -14.19
C MET A 42 -1.02 12.32 -14.37
N HIS A 43 -0.24 12.56 -15.42
CA HIS A 43 0.96 11.77 -15.65
C HIS A 43 1.91 11.90 -14.46
N TRP A 44 2.16 13.14 -14.05
CA TRP A 44 3.13 13.36 -12.99
C TRP A 44 2.55 12.98 -11.62
N CYS A 45 1.22 13.00 -11.47
CA CYS A 45 0.63 12.49 -10.22
C CYS A 45 0.92 11.01 -10.09
N LYS A 46 0.78 10.28 -11.20
CA LYS A 46 1.12 8.86 -11.19
C LYS A 46 2.57 8.65 -10.74
N ILE A 47 3.48 9.50 -11.18
CA ILE A 47 4.88 9.34 -10.83
C ILE A 47 5.20 9.80 -9.41
N VAL A 48 4.65 10.94 -8.99
CA VAL A 48 4.96 11.49 -7.68
C VAL A 48 4.20 10.76 -6.57
N TYR A 49 2.94 10.43 -6.85
CA TYR A 49 2.05 9.86 -5.84
C TYR A 49 1.73 8.38 -6.03
N GLY A 50 2.07 7.81 -7.18
CA GLY A 50 1.70 6.44 -7.47
C GLY A 50 0.26 6.30 -7.95
N ASN A 51 -0.39 7.42 -8.23
CA ASN A 51 -1.81 7.42 -8.60
C ASN A 51 -2.16 8.64 -9.46
N SER A 52 -2.59 8.41 -10.68
CA SER A 52 -2.77 9.51 -11.63
C SER A 52 -4.02 10.34 -11.33
N ASP A 53 -4.92 9.79 -10.52
CA ASP A 53 -6.22 10.43 -10.30
C ASP A 53 -6.27 11.37 -9.11
N VAL A 54 -5.17 11.46 -8.39
CA VAL A 54 -5.18 12.11 -7.08
C VAL A 54 -5.66 13.57 -7.14
N LEU A 55 -5.33 14.27 -8.23
CA LEU A 55 -5.76 15.66 -8.35
C LEU A 55 -6.91 15.86 -9.33
N LYS A 56 -7.50 14.77 -9.81
CA LYS A 56 -8.52 14.91 -10.85
C LYS A 56 -9.72 15.75 -10.42
N GLU A 57 -10.24 15.43 -9.24
CA GLU A 57 -11.38 16.14 -8.68
C GLU A 57 -11.10 17.63 -8.50
N LYS A 58 -9.95 17.95 -7.91
CA LYS A 58 -9.61 19.34 -7.66
C LYS A 58 -9.38 20.11 -8.95
N MET A 59 -8.88 19.46 -9.99
CA MET A 59 -8.70 20.13 -11.26
C MET A 59 -10.06 20.46 -11.88
N GLN A 60 -11.03 19.57 -11.69
CA GLN A 60 -12.40 19.84 -12.14
C GLN A 60 -12.97 21.00 -11.36
N GLU A 61 -12.66 21.05 -10.07
CA GLU A 61 -13.19 22.12 -9.23
C GLU A 61 -12.65 23.47 -9.67
N VAL A 62 -11.38 23.49 -10.08
CA VAL A 62 -10.78 24.72 -10.54
C VAL A 62 -11.47 25.25 -11.80
N LEU A 63 -11.89 24.37 -12.71
CA LEU A 63 -12.67 24.82 -13.87
C LEU A 63 -13.90 25.61 -13.44
N GLN A 64 -14.60 25.16 -12.41
CA GLN A 64 -15.79 25.86 -11.94
C GLN A 64 -15.44 27.17 -11.24
N LYS A 65 -14.27 27.23 -10.59
CA LYS A 65 -13.85 28.47 -9.94
C LYS A 65 -12.34 28.69 -10.11
N PRO A 66 -11.93 29.27 -11.24
CA PRO A 66 -10.52 29.46 -11.59
C PRO A 66 -9.70 30.17 -10.50
N SER A 67 -10.36 31.00 -9.71
CA SER A 67 -9.71 31.75 -8.65
C SER A 67 -9.12 30.86 -7.57
N GLU A 68 -9.51 29.59 -7.55
CA GLU A 68 -8.94 28.65 -6.58
C GLU A 68 -7.74 27.89 -7.16
N GLY A 69 -7.43 28.16 -8.42
CA GLY A 69 -6.30 27.50 -9.05
C GLY A 69 -4.98 27.84 -8.37
N GLU A 70 -4.80 29.10 -8.00
CA GLU A 70 -3.55 29.51 -7.35
C GLU A 70 -3.38 28.72 -6.05
N ASP A 71 -4.47 28.56 -5.31
CA ASP A 71 -4.43 27.81 -4.07
C ASP A 71 -3.99 26.37 -4.29
N LEU A 72 -4.63 25.71 -5.25
CA LEU A 72 -4.29 24.33 -5.57
C LEU A 72 -2.81 24.22 -5.92
N SER A 73 -2.32 25.17 -6.70
CA SER A 73 -0.91 25.18 -7.08
C SER A 73 0.02 25.28 -5.87
N ARG A 74 -0.27 26.20 -4.96
CA ARG A 74 0.60 26.39 -3.82
C ARG A 74 0.55 25.17 -2.91
N GLN A 75 -0.64 24.62 -2.70
CA GLN A 75 -0.79 23.49 -1.78
C GLN A 75 0.09 22.33 -2.23
N VAL A 76 0.07 22.03 -3.53
CA VAL A 76 0.85 20.90 -4.00
C VAL A 76 2.33 21.23 -3.95
N ALA A 77 2.70 22.48 -4.26
CA ALA A 77 4.10 22.81 -4.32
C ALA A 77 4.70 22.95 -2.94
N GLU A 78 3.93 23.44 -1.99
CA GLU A 78 4.55 23.70 -0.71
C GLU A 78 4.09 22.71 0.37
N ASN A 79 3.13 21.87 0.02
CA ASN A 79 2.79 20.80 0.96
C ASN A 79 2.30 19.59 0.23
N PRO A 80 3.18 18.96 -0.54
CA PRO A 80 2.74 17.88 -1.44
C PRO A 80 2.13 16.66 -0.73
N THR A 81 2.56 16.35 0.50
CA THR A 81 2.03 15.18 1.19
C THR A 81 0.68 15.44 1.85
N SER A 82 0.20 16.68 1.79
CA SER A 82 -1.15 16.98 2.26
C SER A 82 -2.18 16.42 1.28
N VAL A 83 -1.71 16.02 0.12
CA VAL A 83 -2.57 15.56 -0.94
C VAL A 83 -2.61 14.03 -0.98
N HIS A 84 -1.47 13.39 -0.81
CA HIS A 84 -1.34 11.94 -0.99
C HIS A 84 0.07 11.59 -0.54
N LYS A 85 0.32 10.34 -0.18
CA LYS A 85 1.69 9.95 0.16
C LYS A 85 2.54 9.83 -1.11
N LEU A 86 3.84 10.06 -0.94
CA LEU A 86 4.79 9.94 -2.04
C LEU A 86 4.91 8.49 -2.45
N ALA A 87 4.99 8.22 -3.74
CA ALA A 87 5.24 6.87 -4.21
C ALA A 87 6.54 6.31 -3.62
N GLY A 88 6.60 4.99 -3.53
CA GLY A 88 7.76 4.30 -3.00
C GLY A 88 8.03 4.58 -1.53
N ARG A 89 9.27 4.38 -1.12
CA ARG A 89 9.65 4.42 0.29
C ARG A 89 11.05 5.01 0.45
N ASN A 90 11.26 5.71 1.56
CA ASN A 90 12.58 6.17 1.95
C ASN A 90 12.95 5.49 3.26
N LEU A 91 13.83 4.51 3.18
CA LEU A 91 14.21 3.70 4.32
C LEU A 91 15.51 4.19 4.89
N CYS A 92 15.40 5.06 5.89
CA CYS A 92 16.55 5.61 6.59
C CYS A 92 17.56 6.25 5.63
N GLY A 93 17.07 6.75 4.50
CA GLY A 93 17.97 7.35 3.52
C GLY A 93 18.09 6.55 2.24
N LEU A 94 17.71 5.28 2.29
CA LEU A 94 17.73 4.47 1.08
C LEU A 94 16.41 4.64 0.36
N LYS A 95 16.43 5.29 -0.79
CA LYS A 95 15.21 5.52 -1.56
C LYS A 95 14.99 4.41 -2.56
N THR A 96 13.78 3.84 -2.58
CA THR A 96 13.47 2.83 -3.58
C THR A 96 13.34 3.52 -4.91
N ASN A 97 13.28 2.77 -6.00
CA ASN A 97 13.23 3.36 -7.32
CA ASN A 97 13.26 3.40 -7.30
C ASN A 97 12.03 4.28 -7.50
N ALA A 98 10.86 3.80 -7.05
CA ALA A 98 9.63 4.58 -7.20
C ALA A 98 9.73 5.92 -6.49
N ARG A 99 10.40 5.95 -5.33
CA ARG A 99 10.56 7.19 -4.57
C ARG A 99 11.55 8.13 -5.26
N ARG A 100 12.62 7.57 -5.81
CA ARG A 100 13.59 8.38 -6.51
C ARG A 100 12.90 9.03 -7.71
N GLN A 101 12.10 8.26 -8.44
CA GLN A 101 11.36 8.84 -9.55
C GLN A 101 10.34 9.88 -9.07
N ALA A 102 9.71 9.62 -7.92
CA ALA A 102 8.78 10.60 -7.38
C ALA A 102 9.48 11.92 -7.10
N GLU A 103 10.64 11.87 -6.43
CA GLU A 103 11.36 13.09 -6.09
C GLU A 103 11.79 13.86 -7.32
N GLU A 104 12.27 13.12 -8.31
CA GLU A 104 12.72 13.68 -9.58
C GLU A 104 11.55 14.33 -10.32
N GLY A 105 10.39 13.69 -10.24
CA GLY A 105 9.21 14.18 -10.93
C GLY A 105 8.46 15.32 -10.25
N PHE A 106 8.76 15.57 -8.96
CA PHE A 106 8.00 16.56 -8.22
C PHE A 106 8.00 17.95 -8.89
N MET A 107 9.18 18.40 -9.35
CA MET A 107 9.32 19.68 -10.03
C MET A 107 8.44 19.75 -11.27
N HIS A 108 8.39 18.66 -12.01
CA HIS A 108 7.59 18.62 -13.22
C HIS A 108 6.11 18.64 -12.87
N LEU A 109 5.76 18.08 -11.71
CA LEU A 109 4.35 18.05 -11.32
C LEU A 109 3.92 19.48 -11.00
N CYS A 110 4.78 20.21 -10.29
CA CYS A 110 4.49 21.60 -9.95
C CYS A 110 4.37 22.50 -11.20
N GLN A 111 5.27 22.34 -12.15
CA GLN A 111 5.20 23.03 -13.43
C GLN A 111 3.92 22.71 -14.18
N ALA A 112 3.60 21.42 -14.28
CA ALA A 112 2.41 21.00 -15.01
C ALA A 112 1.17 21.61 -14.38
N LEU A 113 1.16 21.67 -13.05
CA LEU A 113 0.03 22.20 -12.31
C LEU A 113 -0.11 23.71 -12.42
N ASP A 114 1.03 24.41 -12.34
CA ASP A 114 1.10 25.83 -12.65
C ASP A 114 0.57 26.10 -14.04
N GLY A 115 1.02 25.29 -15.00
CA GLY A 115 0.56 25.39 -16.37
C GLY A 115 -0.95 25.19 -16.49
N TYR A 116 -1.47 24.16 -15.81
CA TYR A 116 -2.91 23.93 -15.82
C TYR A 116 -3.71 25.11 -15.27
N THR A 117 -3.35 25.58 -14.07
CA THR A 117 -4.17 26.59 -13.40
C THR A 117 -4.02 27.95 -14.11
N SER A 118 -2.84 28.24 -14.64
CA SER A 118 -2.69 29.46 -15.44
C SER A 118 -3.49 29.37 -16.75
N ALA A 119 -3.50 28.20 -17.37
CA ALA A 119 -4.24 28.04 -18.63
C ALA A 119 -5.74 28.19 -18.38
N VAL A 120 -6.22 27.66 -17.27
CA VAL A 120 -7.63 27.79 -16.89
C VAL A 120 -7.97 29.27 -16.66
N THR A 121 -7.14 29.95 -15.90
CA THR A 121 -7.34 31.37 -15.65
C THR A 121 -7.28 32.17 -16.96
N GLN A 122 -6.31 31.82 -17.80
CA GLN A 122 -6.12 32.51 -19.06
C GLN A 122 -7.29 32.27 -20.01
N ALA A 123 -7.91 31.10 -19.90
CA ALA A 123 -9.01 30.75 -20.79
C ALA A 123 -10.28 31.48 -20.38
N GLN A 124 -10.51 31.54 -19.07
CA GLN A 124 -11.69 32.21 -18.52
C GLN A 124 -11.67 33.68 -18.94
N GLU A 125 -10.49 34.27 -18.87
CA GLU A 125 -10.34 35.67 -19.22
C GLU A 125 -10.65 35.87 -20.69
N ASN A 126 -10.11 35.04 -21.57
CA ASN A 126 -10.26 35.37 -22.98
C ASN A 126 -11.66 35.01 -23.48
N ILE A 127 -12.34 34.11 -22.76
CA ILE A 127 -13.75 33.85 -23.07
C ILE A 127 -14.59 35.05 -22.64
N LYS A 128 -14.31 35.62 -21.47
CA LYS A 128 -15.00 36.83 -21.02
C LYS A 128 -14.64 38.03 -21.88
N HIS A 129 -13.41 38.09 -22.37
CA HIS A 129 -12.98 39.23 -23.19
C HIS A 129 -13.63 39.19 -24.57
N VAL A 130 -13.52 38.04 -25.24
CA VAL A 130 -14.02 37.95 -26.60
C VAL A 130 -14.69 36.59 -26.82
N PRO A 131 -15.95 36.46 -26.35
CA PRO A 131 -16.75 35.23 -26.45
C PRO A 131 -17.00 34.78 -27.89
N GLN A 132 -17.12 35.74 -28.79
CA GLN A 132 -17.33 35.45 -30.20
C GLN A 132 -16.19 34.59 -30.76
N ALA A 133 -14.96 34.90 -30.35
CA ALA A 133 -13.80 34.11 -30.74
C ALA A 133 -13.85 32.67 -30.21
N GLU A 134 -14.33 32.48 -28.99
CA GLU A 134 -14.45 31.13 -28.45
C GLU A 134 -15.55 30.36 -29.19
N ALA A 135 -16.59 31.07 -29.60
CA ALA A 135 -17.68 30.46 -30.36
C ALA A 135 -17.17 29.92 -31.70
N ARG A 136 -16.04 30.43 -32.17
CA ARG A 136 -15.54 30.08 -33.49
C ARG A 136 -14.50 28.97 -33.41
N ARG A 137 -14.16 28.55 -32.20
CA ARG A 137 -13.10 27.56 -32.01
C ARG A 137 -13.54 26.18 -32.52
N TYR A 138 -14.74 25.77 -32.13
CA TYR A 138 -15.30 24.48 -32.52
C TYR A 138 -14.41 23.34 -32.02
N GLY A 139 -13.59 23.62 -31.00
CA GLY A 139 -12.68 22.64 -30.44
C GLY A 139 -11.94 23.10 -29.19
N GLU B 22 4.19 -36.73 0.72
CA GLU B 22 3.84 -37.56 -0.44
C GLU B 22 2.87 -38.66 -0.06
N GLU B 23 3.42 -39.74 0.52
CA GLU B 23 2.61 -40.89 0.92
C GLU B 23 1.76 -40.58 2.14
N ILE B 24 2.22 -39.62 2.95
CA ILE B 24 1.51 -39.23 4.18
C ILE B 24 0.20 -38.52 3.84
N ALA B 25 0.18 -37.87 2.68
CA ALA B 25 -1.03 -37.20 2.24
C ALA B 25 -2.10 -38.23 1.92
N ASP B 26 -1.67 -39.33 1.32
CA ASP B 26 -2.56 -40.44 1.01
C ASP B 26 -3.23 -40.93 2.28
N ARG B 27 -2.47 -41.03 3.36
CA ARG B 27 -3.01 -41.51 4.62
C ARG B 27 -3.91 -40.45 5.24
N MET B 28 -3.56 -39.18 5.05
CA MET B 28 -4.35 -38.10 5.62
C MET B 28 -5.69 -37.87 4.92
N GLN B 29 -5.84 -38.38 3.70
CA GLN B 29 -7.11 -38.23 2.99
C GLN B 29 -8.16 -39.21 3.54
N HIS B 30 -7.71 -40.24 4.24
CA HIS B 30 -8.64 -41.20 4.83
C HIS B 30 -8.89 -40.86 6.30
N ASN B 31 -8.25 -39.80 6.78
CA ASN B 31 -8.49 -39.31 8.13
C ASN B 31 -9.88 -38.69 8.21
N PRO B 32 -10.75 -39.26 9.04
CA PRO B 32 -12.15 -38.82 9.20
C PRO B 32 -12.32 -37.34 9.54
N LEU B 33 -11.35 -36.77 10.25
CA LEU B 33 -11.44 -35.38 10.67
C LEU B 33 -11.00 -34.45 9.54
N VAL B 34 -9.94 -34.83 8.84
CA VAL B 34 -9.53 -34.12 7.63
C VAL B 34 -10.69 -34.09 6.63
N GLN B 35 -11.34 -35.24 6.44
CA GLN B 35 -12.46 -35.36 5.52
C GLN B 35 -13.61 -34.49 5.99
N ALA B 36 -13.91 -34.53 7.29
CA ALA B 36 -15.00 -33.72 7.80
C ALA B 36 -14.73 -32.23 7.54
N TYR B 37 -13.51 -31.77 7.79
CA TYR B 37 -13.21 -30.36 7.54
C TYR B 37 -13.26 -30.05 6.04
N GLN B 38 -12.87 -30.98 5.19
CA GLN B 38 -13.00 -30.72 3.76
C GLN B 38 -14.47 -30.50 3.39
N GLN B 39 -15.35 -31.33 3.95
CA GLN B 39 -16.78 -31.19 3.67
C GLN B 39 -17.29 -29.85 4.16
N GLU B 40 -16.82 -29.44 5.34
CA GLU B 40 -17.30 -28.22 5.96
C GLU B 40 -16.89 -27.01 5.11
N VAL B 41 -15.65 -27.03 4.64
CA VAL B 41 -15.16 -26.01 3.71
C VAL B 41 -15.97 -26.00 2.43
N MET B 42 -16.26 -27.17 1.88
CA MET B 42 -16.96 -27.23 0.60
C MET B 42 -18.33 -26.66 0.77
N HIS B 43 -18.94 -26.92 1.92
CA HIS B 43 -20.25 -26.35 2.18
C HIS B 43 -20.22 -24.83 2.18
N TRP B 44 -19.27 -24.25 2.90
CA TRP B 44 -19.25 -22.80 3.04
C TRP B 44 -18.82 -22.15 1.72
N CYS B 45 -18.09 -22.89 0.89
CA CYS B 45 -17.75 -22.43 -0.45
C CYS B 45 -19.01 -22.30 -1.27
N LYS B 46 -19.94 -23.22 -1.09
CA LYS B 46 -21.21 -23.15 -1.76
C LYS B 46 -21.91 -21.85 -1.38
N ILE B 47 -21.90 -21.56 -0.08
CA ILE B 47 -22.57 -20.37 0.45
C ILE B 47 -21.93 -19.07 -0.05
N VAL B 48 -20.60 -19.02 -0.01
CA VAL B 48 -19.88 -17.78 -0.27
C VAL B 48 -19.66 -17.49 -1.76
N TYR B 49 -19.33 -18.52 -2.52
CA TYR B 49 -18.97 -18.42 -3.92
C TYR B 49 -20.01 -19.02 -4.85
N GLY B 50 -20.93 -19.81 -4.31
CA GLY B 50 -21.92 -20.45 -5.17
C GLY B 50 -21.34 -21.67 -5.86
N ASN B 51 -20.26 -22.21 -5.32
CA ASN B 51 -19.60 -23.34 -5.97
C ASN B 51 -18.78 -24.08 -4.94
N SER B 52 -19.23 -25.29 -4.60
CA SER B 52 -18.66 -26.00 -3.46
C SER B 52 -17.24 -26.50 -3.74
N ASP B 53 -16.82 -26.51 -5.01
CA ASP B 53 -15.59 -27.19 -5.39
C ASP B 53 -14.38 -26.27 -5.52
N VAL B 54 -14.56 -24.98 -5.31
CA VAL B 54 -13.57 -24.03 -5.76
C VAL B 54 -12.26 -24.12 -4.97
N LEU B 55 -12.29 -24.65 -3.74
CA LEU B 55 -11.05 -24.84 -2.99
C LEU B 55 -10.58 -26.29 -2.94
N LYS B 56 -11.18 -27.16 -3.75
CA LYS B 56 -10.85 -28.57 -3.68
C LYS B 56 -9.37 -28.79 -4.01
N GLU B 57 -8.91 -28.22 -5.11
CA GLU B 57 -7.52 -28.37 -5.52
C GLU B 57 -6.56 -27.79 -4.47
N LYS B 58 -6.89 -26.62 -3.93
CA LYS B 58 -6.03 -26.02 -2.92
C LYS B 58 -5.97 -26.87 -1.66
N MET B 59 -7.11 -27.43 -1.25
CA MET B 59 -7.13 -28.27 -0.04
C MET B 59 -6.26 -29.52 -0.24
N GLN B 60 -6.30 -30.10 -1.45
CA GLN B 60 -5.44 -31.23 -1.78
C GLN B 60 -3.96 -30.88 -1.70
N GLU B 61 -3.61 -29.66 -2.09
CA GLU B 61 -2.23 -29.20 -2.03
C GLU B 61 -1.75 -29.13 -0.57
N VAL B 62 -2.65 -28.72 0.33
CA VAL B 62 -2.30 -28.63 1.74
C VAL B 62 -1.93 -30.00 2.32
N LEU B 63 -2.59 -31.05 1.84
CA LEU B 63 -2.25 -32.40 2.29
C LEU B 63 -0.81 -32.77 1.90
N GLN B 64 -0.35 -32.26 0.76
CA GLN B 64 1.02 -32.50 0.31
C GLN B 64 2.02 -31.69 1.12
N LYS B 65 1.68 -30.43 1.38
CA LYS B 65 2.54 -29.56 2.19
C LYS B 65 1.68 -28.80 3.20
N PRO B 66 1.49 -29.40 4.38
CA PRO B 66 0.67 -28.84 5.46
C PRO B 66 1.06 -27.45 5.89
N SER B 67 2.31 -27.06 5.64
CA SER B 67 2.76 -25.71 5.92
C SER B 67 1.97 -24.71 5.07
N GLU B 68 1.56 -25.12 3.87
CA GLU B 68 0.78 -24.24 3.01
C GLU B 68 -0.65 -24.01 3.52
N GLY B 69 -1.03 -24.77 4.55
CA GLY B 69 -2.35 -24.62 5.13
C GLY B 69 -2.63 -23.22 5.65
N GLU B 70 -1.67 -22.65 6.37
CA GLU B 70 -1.82 -21.31 6.90
C GLU B 70 -1.92 -20.29 5.78
N ASP B 71 -1.24 -20.55 4.67
CA ASP B 71 -1.24 -19.65 3.52
C ASP B 71 -2.65 -19.58 2.92
N LEU B 72 -3.21 -20.75 2.66
CA LEU B 72 -4.54 -20.85 2.10
C LEU B 72 -5.53 -20.08 2.95
N SER B 73 -5.48 -20.29 4.26
CA SER B 73 -6.38 -19.64 5.19
C SER B 73 -6.23 -18.12 5.15
N ARG B 74 -4.98 -17.66 5.14
CA ARG B 74 -4.71 -16.23 5.08
C ARG B 74 -5.18 -15.65 3.75
N GLN B 75 -4.95 -16.37 2.66
CA GLN B 75 -5.37 -15.88 1.34
C GLN B 75 -6.87 -15.64 1.31
N VAL B 76 -7.64 -16.64 1.73
CA VAL B 76 -9.09 -16.52 1.71
C VAL B 76 -9.57 -15.41 2.64
N ALA B 77 -9.03 -15.37 3.86
CA ALA B 77 -9.46 -14.38 4.84
C ALA B 77 -9.12 -12.96 4.41
N GLU B 78 -7.98 -12.77 3.75
CA GLU B 78 -7.48 -11.44 3.41
C GLU B 78 -7.95 -10.99 2.04
N ASN B 79 -8.19 -11.95 1.17
CA ASN B 79 -8.59 -11.61 -0.19
C ASN B 79 -9.56 -12.64 -0.76
N PRO B 80 -10.78 -12.67 -0.22
CA PRO B 80 -11.69 -13.76 -0.58
C PRO B 80 -12.05 -13.81 -2.06
N THR B 81 -12.14 -12.65 -2.74
CA THR B 81 -12.59 -12.66 -4.12
C THR B 81 -11.48 -13.02 -5.10
N SER B 82 -10.29 -13.30 -4.60
CA SER B 82 -9.21 -13.72 -5.48
C SER B 82 -9.47 -15.17 -5.86
N VAL B 83 -10.31 -15.82 -5.08
CA VAL B 83 -10.62 -17.21 -5.32
C VAL B 83 -11.67 -17.36 -6.41
N HIS B 84 -12.66 -16.46 -6.41
CA HIS B 84 -13.88 -16.65 -7.20
C HIS B 84 -14.82 -15.49 -6.85
N LYS B 85 -15.74 -15.18 -7.75
CA LYS B 85 -16.77 -14.17 -7.49
C LYS B 85 -17.66 -14.61 -6.33
N LEU B 86 -18.21 -13.66 -5.58
CA LEU B 86 -19.14 -13.98 -4.51
C LEU B 86 -20.45 -14.43 -5.12
N ALA B 87 -21.17 -15.30 -4.42
CA ALA B 87 -22.54 -15.65 -4.84
C ALA B 87 -23.46 -14.42 -4.84
N GLY B 88 -24.52 -14.48 -5.64
CA GLY B 88 -25.52 -13.42 -5.68
C GLY B 88 -25.05 -12.13 -6.32
N ARG B 89 -25.81 -11.07 -6.11
CA ARG B 89 -25.48 -9.77 -6.68
C ARG B 89 -25.60 -8.65 -5.67
N ASN B 90 -24.87 -7.59 -5.95
CA ASN B 90 -24.94 -6.35 -5.23
C ASN B 90 -25.23 -5.28 -6.27
N LEU B 91 -26.49 -4.90 -6.36
CA LEU B 91 -27.00 -4.00 -7.38
C LEU B 91 -27.34 -2.66 -6.76
N CYS B 92 -26.42 -1.71 -6.86
CA CYS B 92 -26.59 -0.37 -6.28
C CYS B 92 -26.72 -0.35 -4.75
N GLY B 93 -26.15 -1.31 -4.08
CA GLY B 93 -26.34 -1.40 -2.65
C GLY B 93 -27.48 -2.35 -2.32
N LEU B 94 -28.27 -2.71 -3.32
CA LEU B 94 -29.25 -3.76 -3.10
C LEU B 94 -28.59 -5.11 -3.29
N LYS B 95 -28.39 -5.82 -2.18
CA LYS B 95 -27.76 -7.15 -2.19
C LYS B 95 -28.82 -8.21 -2.23
N THR B 96 -28.70 -9.16 -3.16
CA THR B 96 -29.71 -10.21 -3.27
C THR B 96 -29.53 -11.15 -2.07
N ASN B 97 -30.51 -12.00 -1.83
CA ASN B 97 -30.45 -12.91 -0.68
C ASN B 97 -29.21 -13.81 -0.73
N ALA B 98 -28.82 -14.24 -1.91
CA ALA B 98 -27.67 -15.12 -2.00
C ALA B 98 -26.38 -14.35 -1.73
N ARG B 99 -26.35 -13.06 -2.08
CA ARG B 99 -25.18 -12.24 -1.73
C ARG B 99 -25.08 -12.04 -0.23
N ARG B 100 -26.22 -11.79 0.42
CA ARG B 100 -26.21 -11.56 1.87
C ARG B 100 -25.78 -12.84 2.61
N GLN B 101 -26.26 -13.99 2.16
CA GLN B 101 -25.81 -15.23 2.77
C GLN B 101 -24.31 -15.41 2.58
N ALA B 102 -23.82 -14.98 1.42
CA ALA B 102 -22.42 -15.11 1.10
C ALA B 102 -21.62 -14.22 2.04
N GLU B 103 -22.14 -13.04 2.34
CA GLU B 103 -21.41 -12.12 3.21
C GLU B 103 -21.39 -12.61 4.66
N GLU B 104 -22.50 -13.16 5.12
CA GLU B 104 -22.58 -13.61 6.50
C GLU B 104 -21.79 -14.91 6.62
N GLY B 105 -21.74 -15.67 5.54
CA GLY B 105 -21.13 -16.98 5.56
C GLY B 105 -19.62 -16.88 5.52
N PHE B 106 -19.12 -15.74 5.04
CA PHE B 106 -17.68 -15.57 4.86
C PHE B 106 -16.87 -15.91 6.13
N MET B 107 -17.33 -15.46 7.30
CA MET B 107 -16.59 -15.70 8.54
C MET B 107 -16.58 -17.20 8.91
N HIS B 108 -17.62 -17.91 8.50
CA HIS B 108 -17.66 -19.35 8.77
C HIS B 108 -16.81 -20.13 7.77
N LEU B 109 -16.69 -19.64 6.55
CA LEU B 109 -15.75 -20.26 5.62
C LEU B 109 -14.33 -20.16 6.20
N CYS B 110 -14.00 -18.99 6.75
CA CYS B 110 -12.67 -18.77 7.27
C CYS B 110 -12.41 -19.65 8.50
N GLN B 111 -13.45 -19.87 9.30
CA GLN B 111 -13.32 -20.74 10.47
C GLN B 111 -13.04 -22.15 9.99
N ALA B 112 -13.80 -22.60 9.00
CA ALA B 112 -13.63 -23.93 8.44
C ALA B 112 -12.22 -24.12 7.86
N LEU B 113 -11.69 -23.10 7.20
CA LEU B 113 -10.33 -23.22 6.69
C LEU B 113 -9.28 -23.28 7.80
N ASP B 114 -9.47 -22.53 8.89
CA ASP B 114 -8.49 -22.60 9.98
C ASP B 114 -8.56 -23.99 10.62
N GLY B 115 -9.77 -24.54 10.71
CA GLY B 115 -9.95 -25.82 11.35
C GLY B 115 -9.36 -26.89 10.47
N TYR B 116 -9.50 -26.70 9.16
CA TYR B 116 -8.92 -27.65 8.21
C TYR B 116 -7.40 -27.72 8.35
N THR B 117 -6.75 -26.56 8.38
CA THR B 117 -5.30 -26.57 8.49
C THR B 117 -4.86 -27.14 9.82
N SER B 118 -5.57 -26.81 10.90
CA SER B 118 -5.20 -27.37 12.21
C SER B 118 -5.31 -28.89 12.19
N ALA B 119 -6.40 -29.39 11.60
CA ALA B 119 -6.61 -30.81 11.54
C ALA B 119 -5.55 -31.51 10.69
N VAL B 120 -5.15 -30.89 9.58
CA VAL B 120 -4.14 -31.47 8.71
C VAL B 120 -2.82 -31.55 9.48
N THR B 121 -2.43 -30.42 10.08
CA THR B 121 -1.22 -30.36 10.88
C THR B 121 -1.19 -31.43 11.97
N GLN B 122 -2.27 -31.53 12.75
CA GLN B 122 -2.32 -32.52 13.83
C GLN B 122 -2.31 -33.93 13.25
N ALA B 123 -2.92 -34.11 12.09
CA ALA B 123 -2.92 -35.40 11.40
C ALA B 123 -1.50 -35.78 10.99
N GLN B 124 -0.73 -34.80 10.54
CA GLN B 124 0.65 -35.03 10.16
C GLN B 124 1.49 -35.37 11.38
N GLU B 125 1.41 -34.51 12.39
CA GLU B 125 2.16 -34.72 13.63
C GLU B 125 1.82 -36.07 14.26
N ASN B 126 0.57 -36.52 14.07
CA ASN B 126 0.16 -37.83 14.59
C ASN B 126 0.73 -38.97 13.76
N ILE B 127 1.30 -38.64 12.59
CA ILE B 127 1.97 -39.63 11.77
C ILE B 127 3.49 -39.55 12.01
N LYS B 128 3.88 -39.69 13.27
CA LYS B 128 5.28 -39.61 13.69
C LYS B 128 5.43 -40.06 15.14
N LEU C 19 14.11 30.89 27.33
CA LEU C 19 13.71 29.72 26.56
C LEU C 19 13.95 29.91 25.06
N THR C 20 14.96 29.23 24.53
CA THR C 20 15.22 29.23 23.10
C THR C 20 14.23 28.31 22.41
N ARG C 21 14.29 28.25 21.07
CA ARG C 21 13.44 27.31 20.34
C ARG C 21 13.79 25.89 20.74
N GLU C 22 15.06 25.66 21.04
CA GLU C 22 15.53 24.39 21.57
C GLU C 22 14.81 24.09 22.87
N GLU C 23 14.68 25.11 23.71
CA GLU C 23 14.04 24.96 25.01
C GLU C 23 12.56 24.62 24.84
N ILE C 24 11.86 25.36 23.97
CA ILE C 24 10.43 25.12 23.77
C ILE C 24 10.24 23.73 23.18
N ALA C 25 11.17 23.31 22.32
CA ALA C 25 11.09 21.99 21.69
C ALA C 25 11.29 20.85 22.69
N ASP C 26 12.22 21.02 23.64
CA ASP C 26 12.46 20.00 24.67
C ASP C 26 11.23 19.82 25.56
N ARG C 27 10.65 20.95 25.97
CA ARG C 27 9.45 20.96 26.78
C ARG C 27 8.34 20.16 26.13
N MET C 28 8.04 20.48 24.86
CA MET C 28 7.00 19.77 24.12
C MET C 28 7.24 18.27 24.10
N GLN C 29 8.49 17.86 23.85
CA GLN C 29 8.82 16.45 23.69
C GLN C 29 8.64 15.64 24.98
N HIS C 30 8.82 16.28 26.12
CA HIS C 30 8.73 15.58 27.39
C HIS C 30 7.38 15.78 28.05
N ASN C 31 6.50 16.52 27.38
CA ASN C 31 5.16 16.75 27.91
C ASN C 31 4.38 15.45 27.99
N PRO C 32 3.81 15.16 29.16
CA PRO C 32 3.08 13.92 29.44
C PRO C 32 1.83 13.71 28.60
N LEU C 33 0.98 14.73 28.43
CA LEU C 33 -0.23 14.55 27.63
C LEU C 33 0.10 14.49 26.15
N VAL C 34 1.03 15.34 25.70
CA VAL C 34 1.45 15.34 24.31
C VAL C 34 1.94 13.95 23.95
N GLN C 35 2.83 13.41 24.78
CA GLN C 35 3.38 12.07 24.54
C GLN C 35 2.29 10.99 24.52
N ALA C 36 1.32 11.09 25.44
CA ALA C 36 0.26 10.08 25.53
C ALA C 36 -0.65 10.07 24.29
N TYR C 37 -1.11 11.24 23.86
CA TYR C 37 -1.90 11.30 22.63
C TYR C 37 -1.06 10.82 21.44
N GLN C 38 0.23 11.15 21.46
CA GLN C 38 1.12 10.72 20.40
C GLN C 38 1.11 9.19 20.30
N GLN C 39 1.21 8.49 21.43
CA GLN C 39 1.16 7.04 21.43
C GLN C 39 -0.20 6.53 20.97
N GLU C 40 -1.23 7.26 21.37
CA GLU C 40 -2.60 6.89 21.03
C GLU C 40 -2.79 6.92 19.51
N VAL C 41 -2.33 8.02 18.90
CA VAL C 41 -2.39 8.19 17.47
C VAL C 41 -1.69 7.01 16.76
N MET C 42 -0.51 6.65 17.26
CA MET C 42 0.27 5.55 16.69
C MET C 42 -0.50 4.23 16.77
N HIS C 43 -1.11 3.98 17.91
CA HIS C 43 -1.87 2.75 18.07
C HIS C 43 -3.01 2.62 17.05
N TRP C 44 -3.78 3.68 16.88
CA TRP C 44 -4.90 3.61 15.95
C TRP C 44 -4.44 3.62 14.50
N CYS C 45 -3.25 4.19 14.22
CA CYS C 45 -2.69 4.14 12.85
C CYS C 45 -2.41 2.71 12.48
N LYS C 46 -1.87 1.97 13.44
CA LYS C 46 -1.67 0.54 13.26
C LYS C 46 -2.95 -0.11 12.79
N ILE C 47 -4.05 0.20 13.46
CA ILE C 47 -5.32 -0.46 13.17
C ILE C 47 -5.94 0.05 11.88
N VAL C 48 -5.91 1.37 11.67
CA VAL C 48 -6.62 1.96 10.53
C VAL C 48 -5.84 1.72 9.24
N TYR C 49 -4.52 1.86 9.30
CA TYR C 49 -3.67 1.80 8.11
C TYR C 49 -2.77 0.57 8.03
N GLY C 50 -2.68 -0.22 9.09
CA GLY C 50 -1.74 -1.34 9.08
C GLY C 50 -0.31 -0.94 9.40
N ASN C 51 -0.12 0.29 9.85
CA ASN C 51 1.23 0.80 10.11
C ASN C 51 1.19 1.96 11.10
N SER C 52 1.88 1.80 12.22
CA SER C 52 1.72 2.75 13.31
C SER C 52 2.54 4.02 13.14
N ASP C 53 3.48 4.03 12.20
CA ASP C 53 4.36 5.18 12.02
C ASP C 53 3.94 6.21 10.95
N VAL C 54 2.82 5.99 10.25
CA VAL C 54 2.57 6.80 9.05
C VAL C 54 2.37 8.29 9.37
N LEU C 55 2.08 8.62 10.62
CA LEU C 55 1.88 10.02 10.99
C LEU C 55 3.01 10.59 11.88
N LYS C 56 4.05 9.80 12.14
CA LYS C 56 5.04 10.22 13.12
C LYS C 56 5.71 11.52 12.74
N GLU C 57 6.14 11.62 11.49
CA GLU C 57 6.83 12.82 11.03
C GLU C 57 5.90 14.04 11.04
N LYS C 58 4.67 13.85 10.59
CA LYS C 58 3.73 14.96 10.58
C LYS C 58 3.47 15.47 12.00
N MET C 59 3.24 14.55 12.94
CA MET C 59 3.07 14.94 14.34
C MET C 59 4.28 15.72 14.85
N GLN C 60 5.46 15.31 14.43
CA GLN C 60 6.68 16.03 14.80
C GLN C 60 6.66 17.44 14.26
N GLU C 61 6.20 17.59 13.02
CA GLU C 61 6.15 18.90 12.37
C GLU C 61 5.17 19.81 13.11
N VAL C 62 4.09 19.24 13.62
CA VAL C 62 3.07 20.03 14.32
C VAL C 62 3.65 20.55 15.63
N LEU C 63 4.51 19.76 16.26
CA LEU C 63 5.23 20.21 17.44
C LEU C 63 6.02 21.50 17.19
N GLN C 64 6.58 21.64 15.99
CA GLN C 64 7.37 22.82 15.65
C GLN C 64 6.48 23.97 15.15
N LYS C 65 5.25 23.64 14.76
CA LYS C 65 4.27 24.65 14.35
C LYS C 65 2.86 24.23 14.72
N PRO C 66 2.46 24.50 15.97
CA PRO C 66 1.18 24.02 16.51
C PRO C 66 -0.03 24.44 15.68
N SER C 67 0.06 25.55 14.96
CA SER C 67 -1.09 26.06 14.23
C SER C 67 -1.42 25.17 13.06
N GLU C 68 -0.50 24.28 12.71
CA GLU C 68 -0.76 23.31 11.65
C GLU C 68 -1.44 22.05 12.17
N GLY C 69 -1.65 21.96 13.48
CA GLY C 69 -2.36 20.84 14.08
C GLY C 69 -3.75 20.63 13.52
N GLU C 70 -4.54 21.70 13.43
CA GLU C 70 -5.91 21.58 12.92
C GLU C 70 -5.89 21.17 11.46
N ASP C 71 -4.81 21.52 10.75
CA ASP C 71 -4.70 21.09 9.35
C ASP C 71 -4.47 19.60 9.25
N LEU C 72 -3.57 19.09 10.08
CA LEU C 72 -3.30 17.65 10.10
C LEU C 72 -4.57 16.88 10.48
N SER C 73 -5.28 17.37 11.49
CA SER C 73 -6.50 16.72 11.97
C SER C 73 -7.57 16.73 10.88
N ARG C 74 -7.74 17.85 10.19
CA ARG C 74 -8.72 17.92 9.11
C ARG C 74 -8.35 16.94 7.98
N GLN C 75 -7.07 16.93 7.59
CA GLN C 75 -6.59 16.04 6.54
C GLN C 75 -6.88 14.57 6.85
N VAL C 76 -6.61 14.14 8.08
CA VAL C 76 -6.83 12.75 8.39
C VAL C 76 -8.34 12.46 8.51
N ALA C 77 -9.08 13.34 9.19
CA ALA C 77 -10.48 13.06 9.48
C ALA C 77 -11.32 13.13 8.21
N GLU C 78 -10.91 13.97 7.27
CA GLU C 78 -11.74 14.19 6.10
C GLU C 78 -11.07 13.70 4.82
N ASN C 79 -9.85 13.22 4.92
CA ASN C 79 -9.16 12.62 3.76
C ASN C 79 -8.16 11.54 4.18
N PRO C 80 -8.63 10.51 4.90
CA PRO C 80 -7.70 9.57 5.54
C PRO C 80 -6.81 8.83 4.57
N THR C 81 -7.30 8.56 3.38
CA THR C 81 -6.48 7.84 2.41
C THR C 81 -5.44 8.75 1.77
N SER C 82 -5.41 10.02 2.16
CA SER C 82 -4.28 10.87 1.71
C SER C 82 -3.01 10.52 2.49
N VAL C 83 -3.16 9.74 3.55
CA VAL C 83 -2.00 9.39 4.39
C VAL C 83 -1.44 8.04 3.94
N HIS C 84 -2.32 7.07 3.73
CA HIS C 84 -1.93 5.69 3.49
C HIS C 84 -3.23 4.97 3.13
N LYS C 85 -3.15 3.84 2.44
CA LYS C 85 -4.36 3.09 2.19
C LYS C 85 -4.87 2.46 3.50
N LEU C 86 -6.17 2.20 3.57
CA LEU C 86 -6.76 1.51 4.70
C LEU C 86 -6.35 0.06 4.76
N ALA C 87 -6.19 -0.48 5.97
CA ALA C 87 -5.94 -1.91 6.14
C ALA C 87 -7.09 -2.77 5.61
N GLY C 88 -6.76 -3.98 5.19
CA GLY C 88 -7.75 -4.90 4.66
C GLY C 88 -8.29 -4.46 3.31
N ARG C 89 -9.40 -5.06 2.93
CA ARG C 89 -9.99 -4.86 1.61
C ARG C 89 -11.50 -4.78 1.70
N ASN C 90 -12.08 -4.02 0.77
CA ASN C 90 -13.53 -4.03 0.59
C ASN C 90 -13.85 -4.50 -0.82
N LEU C 91 -14.10 -5.79 -0.96
CA LEU C 91 -14.30 -6.40 -2.26
C LEU C 91 -15.78 -6.51 -2.54
N CYS C 92 -16.27 -5.60 -3.37
CA CYS C 92 -17.67 -5.58 -3.78
C CYS C 92 -18.63 -5.51 -2.60
N GLY C 93 -18.25 -4.81 -1.54
CA GLY C 93 -19.10 -4.70 -0.36
C GLY C 93 -18.74 -5.64 0.79
N LEU C 94 -17.99 -6.70 0.49
CA LEU C 94 -17.52 -7.60 1.53
C LEU C 94 -16.23 -7.08 2.17
N LYS C 95 -16.32 -6.67 3.43
CA LYS C 95 -15.15 -6.14 4.11
C LYS C 95 -14.39 -7.26 4.83
N THR C 96 -13.07 -7.30 4.65
CA THR C 96 -12.29 -8.31 5.36
C THR C 96 -12.24 -7.86 6.80
N ASN C 97 -11.84 -8.77 7.68
CA ASN C 97 -11.76 -8.42 9.07
C ASN C 97 -10.83 -7.23 9.36
N ALA C 98 -9.67 -7.19 8.71
CA ALA C 98 -8.77 -6.06 8.94
C ALA C 98 -9.43 -4.74 8.50
N ARG C 99 -10.18 -4.75 7.39
CA ARG C 99 -10.87 -3.54 6.97
C ARG C 99 -11.97 -3.12 7.94
N ARG C 100 -12.73 -4.09 8.46
CA ARG C 100 -13.77 -3.78 9.45
C ARG C 100 -13.13 -3.16 10.68
N GLN C 101 -12.05 -3.77 11.16
CA GLN C 101 -11.32 -3.23 12.31
C GLN C 101 -10.78 -1.83 12.00
N ALA C 102 -10.31 -1.63 10.76
CA ALA C 102 -9.90 -0.29 10.31
C ALA C 102 -11.04 0.70 10.37
N GLU C 103 -12.19 0.33 9.80
CA GLU C 103 -13.35 1.22 9.80
C GLU C 103 -13.77 1.57 11.22
N GLU C 104 -13.84 0.57 12.10
CA GLU C 104 -14.22 0.82 13.49
C GLU C 104 -13.15 1.65 14.20
N GLY C 105 -11.89 1.47 13.81
CA GLY C 105 -10.83 2.21 14.44
C GLY C 105 -10.78 3.67 14.04
N PHE C 106 -11.39 3.98 12.89
CA PHE C 106 -11.18 5.29 12.27
C PHE C 106 -11.59 6.43 13.19
N MET C 107 -12.70 6.23 13.89
CA MET C 107 -13.23 7.22 14.80
C MET C 107 -12.26 7.53 15.91
N HIS C 108 -11.57 6.50 16.37
CA HIS C 108 -10.75 6.65 17.54
C HIS C 108 -9.47 7.31 17.13
N LEU C 109 -9.06 7.04 15.89
CA LEU C 109 -7.92 7.71 15.30
C LEU C 109 -8.20 9.19 15.20
N CYS C 110 -9.41 9.56 14.77
CA CYS C 110 -9.71 10.98 14.60
C CYS C 110 -9.73 11.65 15.95
N GLN C 111 -10.25 10.94 16.96
CA GLN C 111 -10.31 11.47 18.32
C GLN C 111 -8.91 11.65 18.90
N ALA C 112 -8.04 10.67 18.69
CA ALA C 112 -6.68 10.75 19.21
C ALA C 112 -5.93 11.94 18.61
N LEU C 113 -6.09 12.12 17.31
CA LEU C 113 -5.37 13.17 16.59
C LEU C 113 -5.86 14.54 17.04
N ASP C 114 -7.18 14.68 17.21
CA ASP C 114 -7.75 15.89 17.78
C ASP C 114 -7.26 16.13 19.20
N GLY C 115 -7.10 15.05 19.96
CA GLY C 115 -6.56 15.17 21.30
C GLY C 115 -5.11 15.64 21.24
N TYR C 116 -4.35 15.03 20.33
CA TYR C 116 -2.95 15.41 20.14
C TYR C 116 -2.77 16.89 19.80
N THR C 117 -3.40 17.32 18.72
CA THR C 117 -3.21 18.69 18.25
C THR C 117 -3.73 19.71 19.26
N SER C 118 -4.76 19.35 20.02
CA SER C 118 -5.25 20.24 21.08
C SER C 118 -4.29 20.26 22.26
N ALA C 119 -3.61 19.16 22.52
CA ALA C 119 -2.68 19.13 23.65
C ALA C 119 -1.39 19.87 23.28
N VAL C 120 -0.99 19.75 22.03
CA VAL C 120 0.19 20.48 21.57
C VAL C 120 -0.11 21.96 21.62
N THR C 121 -1.24 22.35 21.04
CA THR C 121 -1.66 23.73 21.04
C THR C 121 -1.71 24.30 22.46
N GLN C 122 -2.26 23.51 23.37
CA GLN C 122 -2.37 23.94 24.75
C GLN C 122 -1.02 24.05 25.43
N ALA C 123 -0.12 23.11 25.14
CA ALA C 123 1.23 23.15 25.71
C ALA C 123 1.93 24.43 25.30
N GLN C 124 1.66 24.90 24.08
CA GLN C 124 2.14 26.20 23.61
C GLN C 124 1.34 27.35 24.24
N GLU C 125 1.28 27.37 25.57
CA GLU C 125 0.56 28.39 26.30
C GLU C 125 0.88 28.34 27.78
N ARG D 27 14.03 -30.93 -8.15
CA ARG D 27 15.24 -30.53 -7.46
C ARG D 27 16.15 -29.72 -8.37
N MET D 28 15.90 -28.42 -8.45
CA MET D 28 16.59 -27.52 -9.37
C MET D 28 17.85 -26.90 -8.80
N GLN D 29 18.23 -27.31 -7.59
CA GLN D 29 19.43 -26.76 -6.96
C GLN D 29 20.69 -27.07 -7.77
N HIS D 30 20.59 -28.09 -8.64
CA HIS D 30 21.72 -28.54 -9.43
C HIS D 30 21.97 -27.66 -10.67
N ASN D 31 20.97 -26.88 -11.05
CA ASN D 31 21.06 -26.01 -12.23
C ASN D 31 22.14 -24.93 -12.04
N PRO D 32 23.08 -24.84 -12.99
CA PRO D 32 24.28 -23.98 -12.88
C PRO D 32 23.99 -22.49 -12.98
N LEU D 33 22.91 -22.15 -13.68
CA LEU D 33 22.49 -20.76 -13.85
C LEU D 33 21.76 -20.30 -12.59
N VAL D 34 20.91 -21.17 -12.06
CA VAL D 34 20.21 -20.88 -10.84
C VAL D 34 21.22 -20.74 -9.72
N GLN D 35 22.22 -21.61 -9.73
CA GLN D 35 23.25 -21.60 -8.69
C GLN D 35 24.09 -20.33 -8.75
N ALA D 36 24.42 -19.89 -9.96
CA ALA D 36 25.23 -18.68 -10.14
C ALA D 36 24.49 -17.45 -9.65
N TYR D 37 23.18 -17.40 -9.89
CA TYR D 37 22.39 -16.26 -9.41
C TYR D 37 22.20 -16.32 -7.88
N GLN D 38 22.15 -17.52 -7.32
CA GLN D 38 22.07 -17.62 -5.88
C GLN D 38 23.33 -17.04 -5.24
N GLN D 39 24.50 -17.40 -5.76
CA GLN D 39 25.73 -16.85 -5.22
C GLN D 39 25.73 -15.32 -5.36
N GLU D 40 25.23 -14.82 -6.48
CA GLU D 40 25.16 -13.37 -6.73
C GLU D 40 24.29 -12.67 -5.69
N VAL D 41 23.13 -13.26 -5.40
CA VAL D 41 22.23 -12.73 -4.40
C VAL D 41 22.90 -12.74 -3.03
N MET D 42 23.60 -13.82 -2.73
CA MET D 42 24.23 -13.96 -1.42
C MET D 42 25.28 -12.87 -1.25
N HIS D 43 26.05 -12.65 -2.31
CA HIS D 43 27.07 -11.61 -2.27
C HIS D 43 26.49 -10.21 -2.00
N TRP D 44 25.44 -9.81 -2.72
CA TRP D 44 24.89 -8.48 -2.51
C TRP D 44 24.12 -8.36 -1.21
N CYS D 45 23.61 -9.49 -0.69
CA CYS D 45 22.98 -9.48 0.63
C CYS D 45 23.98 -9.15 1.72
N LYS D 46 25.17 -9.73 1.61
CA LYS D 46 26.26 -9.40 2.53
C LYS D 46 26.51 -7.91 2.52
N ILE D 47 26.58 -7.35 1.32
CA ILE D 47 26.83 -5.94 1.14
C ILE D 47 25.65 -5.09 1.58
N VAL D 48 24.43 -5.48 1.24
CA VAL D 48 23.30 -4.59 1.53
C VAL D 48 22.90 -4.72 2.99
N TYR D 49 22.96 -5.94 3.52
CA TYR D 49 22.41 -6.19 4.84
C TYR D 49 23.48 -6.51 5.87
N GLY D 50 24.73 -6.68 5.44
CA GLY D 50 25.75 -7.13 6.37
C GLY D 50 25.75 -8.61 6.62
N ASN D 51 24.86 -9.35 5.94
CA ASN D 51 24.68 -10.79 6.19
C ASN D 51 24.28 -11.51 4.90
N SER D 52 25.09 -12.48 4.48
CA SER D 52 24.90 -13.10 3.16
C SER D 52 23.77 -14.12 3.10
N ASP D 53 23.26 -14.52 4.26
CA ASP D 53 22.33 -15.64 4.31
C ASP D 53 20.88 -15.19 4.48
N VAL D 54 20.67 -13.89 4.49
CA VAL D 54 19.39 -13.30 4.82
C VAL D 54 18.26 -13.75 3.86
N LEU D 55 18.57 -14.06 2.62
CA LEU D 55 17.55 -14.50 1.66
C LEU D 55 17.68 -15.97 1.29
N LYS D 56 18.61 -16.68 1.92
CA LYS D 56 18.86 -18.09 1.60
C LYS D 56 17.58 -18.91 1.72
N GLU D 57 16.82 -18.70 2.79
CA GLU D 57 15.61 -19.49 2.98
C GLU D 57 14.54 -19.08 1.98
N LYS D 58 14.39 -17.78 1.76
CA LYS D 58 13.38 -17.31 0.82
C LYS D 58 13.69 -17.76 -0.61
N MET D 59 14.98 -17.83 -0.97
CA MET D 59 15.34 -18.26 -2.31
C MET D 59 15.00 -19.73 -2.47
N GLN D 60 15.21 -20.48 -1.39
CA GLN D 60 14.93 -21.91 -1.37
C GLN D 60 13.45 -22.17 -1.60
N GLU D 61 12.60 -21.29 -1.07
CA GLU D 61 11.16 -21.40 -1.26
C GLU D 61 10.78 -21.19 -2.72
N VAL D 62 11.45 -20.24 -3.36
CA VAL D 62 11.15 -19.87 -4.75
C VAL D 62 11.40 -21.04 -5.70
N LEU D 63 12.34 -21.93 -5.37
CA LEU D 63 12.47 -23.18 -6.13
C LEU D 63 11.19 -23.97 -6.04
N GLN D 64 10.66 -24.06 -4.81
CA GLN D 64 9.51 -24.91 -4.52
C GLN D 64 8.18 -24.19 -4.77
N LYS D 65 8.23 -23.06 -5.47
CA LYS D 65 7.03 -22.35 -5.94
C LYS D 65 7.45 -21.13 -6.75
N PRO D 66 7.93 -21.34 -7.98
CA PRO D 66 8.50 -20.31 -8.86
C PRO D 66 7.65 -19.04 -8.99
N SER D 67 6.33 -19.20 -8.96
CA SER D 67 5.42 -18.06 -9.05
C SER D 67 5.67 -17.04 -7.93
N GLU D 68 6.14 -17.53 -6.79
CA GLU D 68 6.42 -16.67 -5.64
C GLU D 68 7.66 -15.80 -5.88
N GLY D 69 8.44 -16.16 -6.88
CA GLY D 69 9.67 -15.44 -7.20
C GLY D 69 9.48 -13.97 -7.47
N GLU D 70 8.52 -13.65 -8.33
CA GLU D 70 8.23 -12.26 -8.70
C GLU D 70 7.99 -11.41 -7.47
N ASP D 71 7.30 -11.98 -6.50
CA ASP D 71 6.96 -11.23 -5.31
C ASP D 71 8.15 -11.08 -4.39
N LEU D 72 9.06 -12.04 -4.43
CA LEU D 72 10.27 -11.94 -3.62
C LEU D 72 11.07 -10.71 -4.05
N SER D 73 11.31 -10.58 -5.35
CA SER D 73 12.07 -9.43 -5.84
C SER D 73 11.29 -8.14 -5.68
N ARG D 74 9.97 -8.20 -5.80
CA ARG D 74 9.13 -7.03 -5.55
C ARG D 74 9.27 -6.56 -4.11
N GLN D 75 9.30 -7.52 -3.19
CA GLN D 75 9.36 -7.18 -1.77
C GLN D 75 10.66 -6.48 -1.45
N VAL D 76 11.75 -7.04 -1.97
CA VAL D 76 13.06 -6.49 -1.72
C VAL D 76 13.22 -5.14 -2.44
N ALA D 77 12.70 -5.04 -3.65
CA ALA D 77 12.85 -3.81 -4.43
C ALA D 77 12.08 -2.66 -3.80
N GLU D 78 10.84 -2.92 -3.36
CA GLU D 78 9.93 -1.90 -2.86
CA GLU D 78 10.09 -1.77 -2.86
C GLU D 78 9.99 -1.72 -1.35
N ASN D 79 10.55 -2.73 -0.67
CA ASN D 79 10.55 -2.72 0.79
C ASN D 79 11.76 -3.47 1.38
N PRO D 80 12.98 -3.06 1.03
CA PRO D 80 14.15 -3.86 1.38
C PRO D 80 14.40 -4.09 2.87
N THR D 81 14.05 -3.14 3.74
CA THR D 81 14.29 -3.33 5.16
C THR D 81 13.21 -4.17 5.84
N SER D 82 12.27 -4.69 5.06
CA SER D 82 11.31 -5.65 5.62
C SER D 82 12.02 -6.97 5.85
N VAL D 83 13.18 -7.12 5.22
CA VAL D 83 13.94 -8.36 5.29
C VAL D 83 14.97 -8.35 6.44
N HIS D 84 15.62 -7.23 6.63
CA HIS D 84 16.75 -7.13 7.53
C HIS D 84 17.10 -5.66 7.53
N LYS D 85 17.78 -5.20 8.57
CA LYS D 85 18.22 -3.81 8.58
C LYS D 85 19.36 -3.67 7.61
N LEU D 86 19.64 -2.44 7.18
CA LEU D 86 20.70 -2.19 6.21
C LEU D 86 22.03 -2.22 6.94
N ALA D 87 23.11 -2.61 6.27
CA ALA D 87 24.43 -2.56 6.89
C ALA D 87 24.89 -1.12 7.13
N GLY D 88 25.80 -0.96 8.07
CA GLY D 88 26.33 0.35 8.39
C GLY D 88 25.33 1.24 9.10
N ARG D 89 25.69 2.52 9.21
CA ARG D 89 24.84 3.48 9.91
C ARG D 89 24.69 4.78 9.13
N ASN D 90 23.57 5.45 9.39
CA ASN D 90 23.34 6.81 8.95
C ASN D 90 23.17 7.68 10.18
N LEU D 91 24.24 8.37 10.58
CA LEU D 91 24.20 9.24 11.74
C LEU D 91 23.80 10.65 11.34
N CYS D 92 22.50 10.93 11.39
CA CYS D 92 21.97 12.27 11.10
C CYS D 92 22.54 12.85 9.82
N GLY D 93 22.56 12.04 8.77
CA GLY D 93 23.07 12.52 7.50
C GLY D 93 24.45 12.00 7.16
N LEU D 94 25.24 11.62 8.17
CA LEU D 94 26.56 11.06 7.88
C LEU D 94 26.46 9.54 7.73
N LYS D 95 26.72 9.05 6.53
CA LYS D 95 26.63 7.62 6.26
C LYS D 95 28.00 7.01 6.36
N THR D 96 28.14 5.92 7.13
CA THR D 96 29.40 5.21 7.23
C THR D 96 29.65 4.53 5.92
N ASN D 97 30.89 4.10 5.69
CA ASN D 97 31.22 3.50 4.41
CA ASN D 97 31.26 3.48 4.44
C ASN D 97 30.40 2.25 4.15
N ALA D 98 30.11 1.44 5.19
CA ALA D 98 29.31 0.25 4.94
C ALA D 98 27.85 0.62 4.58
N ARG D 99 27.35 1.75 5.06
CA ARG D 99 26.02 2.16 4.68
C ARG D 99 26.06 2.65 3.23
N ARG D 100 27.09 3.41 2.87
CA ARG D 100 27.25 3.91 1.51
C ARG D 100 27.32 2.73 0.53
N GLN D 101 28.08 1.71 0.91
CA GLN D 101 28.23 0.54 0.08
C GLN D 101 26.91 -0.23 -0.01
N ALA D 102 26.17 -0.27 1.11
CA ALA D 102 24.84 -0.90 1.09
C ALA D 102 23.90 -0.17 0.14
N GLU D 103 23.90 1.16 0.14
CA GLU D 103 22.96 1.90 -0.71
C GLU D 103 23.31 1.71 -2.19
N GLU D 104 24.60 1.73 -2.51
CA GLU D 104 25.02 1.52 -3.90
C GLU D 104 24.86 0.06 -4.33
N GLY D 105 24.92 -0.86 -3.38
CA GLY D 105 24.73 -2.27 -3.68
C GLY D 105 23.27 -2.69 -3.87
N PHE D 106 22.34 -1.88 -3.39
CA PHE D 106 20.91 -2.19 -3.46
C PHE D 106 20.43 -2.47 -4.88
N MET D 107 20.84 -1.62 -5.84
CA MET D 107 20.46 -1.83 -7.24
C MET D 107 20.93 -3.20 -7.72
N HIS D 108 22.12 -3.61 -7.30
CA HIS D 108 22.72 -4.86 -7.78
C HIS D 108 22.08 -6.10 -7.13
N LEU D 109 21.74 -5.98 -5.86
CA LEU D 109 20.92 -7.00 -5.20
C LEU D 109 19.62 -7.19 -6.00
N CYS D 110 18.98 -6.08 -6.36
CA CYS D 110 17.70 -6.18 -7.07
C CYS D 110 17.88 -6.81 -8.46
N GLN D 111 18.96 -6.47 -9.16
CA GLN D 111 19.22 -7.09 -10.45
C GLN D 111 19.48 -8.58 -10.26
N ALA D 112 20.26 -8.91 -9.24
CA ALA D 112 20.61 -10.29 -8.99
C ALA D 112 19.36 -11.10 -8.70
N LEU D 113 18.45 -10.48 -7.98
CA LEU D 113 17.25 -11.14 -7.55
C LEU D 113 16.30 -11.39 -8.70
N ASP D 114 16.18 -10.40 -9.58
CA ASP D 114 15.38 -10.58 -10.79
C ASP D 114 15.97 -11.70 -11.63
N GLY D 115 17.29 -11.72 -11.74
CA GLY D 115 17.96 -12.72 -12.56
C GLY D 115 17.68 -14.11 -12.03
N TYR D 116 17.75 -14.24 -10.71
CA TYR D 116 17.47 -15.49 -10.03
C TYR D 116 16.05 -15.98 -10.27
N THR D 117 15.09 -15.10 -10.01
CA THR D 117 13.69 -15.48 -10.12
C THR D 117 13.38 -15.83 -11.56
N SER D 118 13.97 -15.08 -12.49
CA SER D 118 13.79 -15.36 -13.90
C SER D 118 14.59 -16.59 -14.33
N ALA D 119 15.56 -17.01 -13.52
CA ALA D 119 16.28 -18.24 -13.84
C ALA D 119 15.48 -19.44 -13.37
N VAL D 120 14.96 -19.34 -12.15
CA VAL D 120 14.14 -20.39 -11.57
C VAL D 120 12.88 -20.60 -12.41
N THR D 121 12.18 -19.51 -12.70
CA THR D 121 10.94 -19.55 -13.45
C THR D 121 11.15 -19.93 -14.92
N GLN D 122 12.37 -20.33 -15.26
CA GLN D 122 12.74 -20.66 -16.64
C GLN D 122 13.40 -22.03 -16.69
N ALA D 123 13.80 -22.54 -15.53
CA ALA D 123 14.31 -23.89 -15.45
C ALA D 123 13.14 -24.84 -15.34
N GLN D 124 12.01 -24.30 -14.88
CA GLN D 124 10.75 -25.03 -14.81
C GLN D 124 10.34 -25.54 -16.19
N GLU D 125 10.14 -24.62 -17.14
CA GLU D 125 9.83 -24.99 -18.52
C GLU D 125 10.98 -25.78 -19.15
N ASN D 126 12.19 -25.53 -18.64
CA ASN D 126 13.38 -26.24 -19.08
C ASN D 126 13.54 -27.60 -18.39
#